data_7IFA
#
_entry.id   7IFA
#
_cell.length_a   45.250
_cell.length_b   73.090
_cell.length_c   52.690
_cell.angle_alpha   90.00
_cell.angle_beta   109.41
_cell.angle_gamma   90.00
#
_symmetry.space_group_name_H-M   'P 1 21 1'
#
loop_
_entity.id
_entity.type
_entity.pdbx_description
1 polymer Endothiapepsin
2 non-polymer 4-methoxy-2,3-dihydro-1H-isoindole
3 non-polymer GLYCEROL
4 water water
#
_entity_poly.entity_id   1
_entity_poly.type   'polypeptide(L)'
_entity_poly.pdbx_seq_one_letter_code
;STGSATTTPIDSLDDAYITPVQIGTPAQTLNLDFDTGSSDLWVFSSETTASEVDGQTIYTPSKSTTAKLLSGATWSISYG
DGSSSSGDVYTDTVSVGGLTVTGQAVESAKKVSSSFTEDSTIDGLLGLAFSTLNTVSPTQQKTFFDNAKASLDSPVFTAD
LGYHAPGTYNFGFIDTTAYTGSITYTAVSTKQGFWEWTSTGYAVGSGTFKSTSIDGIADTGTTLLYLPATVVSAYWAQVS
GAKSSSSVGGYVFPCSATLPSFTFGVGSARIVIPGDYIDFGPISTGSSSCFGGIQSSAGIGINIFGDVALKAAFVVFNGA
TTPTLGFASK
;
_entity_poly.pdbx_strand_id   A
#
loop_
_chem_comp.id
_chem_comp.type
_chem_comp.name
_chem_comp.formula
A1CDN non-polymer 4-methoxy-2,3-dihydro-1H-isoindole 'C9 H11 N O'
GOL non-polymer GLYCEROL 'C3 H8 O3'
#
# COMPACT_ATOMS: atom_id res chain seq x y z
N SER A 1 24.01 -0.58 4.04
CA SER A 1 23.08 -0.20 5.16
C SER A 1 21.78 -0.95 5.00
N THR A 2 21.01 -0.95 6.09
CA THR A 2 19.66 -1.50 6.09
C THR A 2 18.78 -0.64 6.99
N GLY A 3 17.47 -0.85 6.88
CA GLY A 3 16.51 -0.29 7.82
C GLY A 3 15.41 -1.28 8.10
N SER A 4 14.77 -1.11 9.25
CA SER A 4 13.68 -2.00 9.67
C SER A 4 12.73 -1.21 10.56
N ALA A 5 11.46 -1.12 10.16
CA ALA A 5 10.48 -0.35 10.90
C ALA A 5 9.19 -1.15 11.01
N THR A 6 8.53 -1.02 12.14
CA THR A 6 7.25 -1.68 12.35
C THR A 6 6.13 -0.85 11.73
N THR A 7 5.19 -1.54 11.08
CA THR A 7 4.03 -0.93 10.49
C THR A 7 2.77 -1.42 11.22
N THR A 8 1.84 -0.50 11.52
CA THR A 8 0.76 -0.80 12.46
C THR A 8 -0.58 -0.45 11.83
N PRO A 9 -1.58 -1.33 11.89
CA PRO A 9 -2.89 -0.96 11.34
CA PRO A 9 -2.90 -0.97 11.36
C PRO A 9 -3.45 0.26 12.06
N ILE A 10 -4.14 1.11 11.29
CA ILE A 10 -4.67 2.34 11.86
C ILE A 10 -5.97 2.11 12.62
N ASP A 11 -6.63 0.98 12.41
CA ASP A 11 -7.92 0.71 13.01
C ASP A 11 -8.14 -0.80 13.05
N SER A 12 -9.29 -1.21 13.58
CA SER A 12 -9.57 -2.60 13.83
C SER A 12 -9.84 -3.39 12.56
N LEU A 13 -9.95 -2.72 11.40
CA LEU A 13 -10.24 -3.33 10.11
C LEU A 13 -9.01 -3.46 9.22
N ASP A 14 -7.86 -2.92 9.64
CA ASP A 14 -6.69 -2.84 8.77
C ASP A 14 -6.96 -1.97 7.54
N ASP A 15 -7.68 -0.86 7.72
CA ASP A 15 -7.97 0.01 6.59
C ASP A 15 -6.71 0.59 5.97
N ALA A 16 -5.67 0.77 6.76
CA ALA A 16 -4.36 1.20 6.28
C ALA A 16 -3.37 0.91 7.39
N TYR A 17 -2.09 1.10 7.08
CA TYR A 17 -0.99 0.85 8.00
C TYR A 17 -0.11 2.09 8.05
N ILE A 18 0.35 2.44 9.26
CA ILE A 18 1.23 3.58 9.46
C ILE A 18 2.57 3.12 9.99
N THR A 19 3.62 3.80 9.55
CA THR A 19 4.99 3.48 9.90
C THR A 19 5.66 4.79 10.34
N PRO A 20 6.36 4.79 11.47
CA PRO A 20 7.01 6.02 11.94
C PRO A 20 8.23 6.34 11.08
N VAL A 21 8.36 7.63 10.76
CA VAL A 21 9.41 8.15 9.90
C VAL A 21 9.97 9.40 10.56
N GLN A 22 11.28 9.48 10.68
CA GLN A 22 11.95 10.64 11.24
C GLN A 22 12.32 11.61 10.12
N ILE A 23 11.90 12.87 10.28
CA ILE A 23 12.15 13.91 9.28
C ILE A 23 12.81 15.10 9.98
N GLY A 24 13.92 15.58 9.42
CA GLY A 24 14.52 16.82 9.91
C GLY A 24 15.49 16.64 11.05
N THR A 25 16.04 17.80 11.47
CA THR A 25 17.01 17.86 12.56
C THR A 25 16.65 19.02 13.49
N PRO A 26 16.36 18.76 14.75
CA PRO A 26 16.17 17.45 15.37
C PRO A 26 15.03 16.69 14.72
N ALA A 27 14.96 15.38 14.94
CA ALA A 27 13.96 14.57 14.28
C ALA A 27 12.55 15.02 14.64
N GLN A 28 11.69 15.06 13.64
CA GLN A 28 10.25 15.15 13.81
C GLN A 28 9.66 13.84 13.31
N THR A 29 8.99 13.10 14.19
CA THR A 29 8.49 11.77 13.84
C THR A 29 7.04 11.90 13.40
N LEU A 30 6.78 11.49 12.17
CA LEU A 30 5.44 11.45 11.60
C LEU A 30 5.11 10.02 11.22
N ASN A 31 3.83 9.66 11.30
CA ASN A 31 3.36 8.31 10.99
C ASN A 31 2.81 8.35 9.58
N LEU A 32 3.54 7.71 8.65
CA LEU A 32 3.23 7.79 7.24
C LEU A 32 2.69 6.48 6.71
N ASP A 33 1.86 6.59 5.67
CA ASP A 33 1.26 5.44 4.99
C ASP A 33 2.19 5.07 3.84
N PHE A 34 2.95 3.98 4.00
CA PHE A 34 3.87 3.53 2.97
C PHE A 34 3.08 2.94 1.81
N ASP A 35 3.25 3.52 0.63
CA ASP A 35 2.35 3.28 -0.49
C ASP A 35 3.14 2.84 -1.72
N THR A 36 3.14 1.53 -2.00
CA THR A 36 3.83 1.03 -3.20
C THR A 36 3.08 1.33 -4.49
N GLY A 37 1.94 2.02 -4.41
CA GLY A 37 1.19 2.47 -5.56
C GLY A 37 1.32 3.95 -5.89
N SER A 38 2.21 4.68 -5.23
CA SER A 38 2.48 6.07 -5.59
C SER A 38 3.94 6.36 -5.27
N SER A 39 4.37 7.59 -5.63
CA SER A 39 5.81 7.88 -5.63
C SER A 39 6.14 9.24 -5.03
N ASP A 40 5.25 9.80 -4.20
CA ASP A 40 5.47 11.07 -3.53
C ASP A 40 5.55 10.82 -2.03
N LEU A 41 6.52 11.43 -1.36
CA LEU A 41 6.58 11.49 0.10
C LEU A 41 6.03 12.86 0.48
N TRP A 42 4.81 12.90 1.01
CA TRP A 42 4.20 14.17 1.36
C TRP A 42 3.69 14.10 2.78
N VAL A 43 3.66 15.26 3.44
CA VAL A 43 3.31 15.33 4.84
C VAL A 43 2.37 16.50 5.12
N PHE A 44 1.50 16.29 6.10
CA PHE A 44 0.87 17.41 6.80
C PHE A 44 1.97 18.29 7.39
N SER A 45 1.76 19.59 7.35
CA SER A 45 2.86 20.48 7.72
C SER A 45 2.32 21.76 8.34
N SER A 46 3.25 22.61 8.77
CA SER A 46 2.90 23.93 9.26
C SER A 46 2.30 24.82 8.18
N GLU A 47 2.40 24.41 6.91
CA GLU A 47 1.83 25.11 5.79
C GLU A 47 0.43 24.62 5.40
N THR A 48 -0.05 23.53 5.99
CA THR A 48 -1.36 22.99 5.60
C THR A 48 -2.46 23.93 6.09
N THR A 49 -3.40 24.23 5.20
CA THR A 49 -4.57 25.02 5.57
C THR A 49 -5.13 24.53 6.89
N ALA A 50 -5.28 25.45 7.84
CA ALA A 50 -5.54 25.05 9.22
C ALA A 50 -6.86 24.29 9.33
N SER A 51 -7.87 24.71 8.58
CA SER A 51 -9.17 24.05 8.62
C SER A 51 -9.12 22.63 8.06
N GLU A 52 -8.01 22.24 7.43
CA GLU A 52 -7.86 20.91 6.87
C GLU A 52 -6.96 20.01 7.70
N VAL A 53 -6.52 20.48 8.87
CA VAL A 53 -5.77 19.67 9.82
C VAL A 53 -6.70 19.38 10.98
N ASP A 54 -6.81 18.10 11.36
CA ASP A 54 -7.68 17.69 12.45
C ASP A 54 -7.02 16.51 13.18
N GLY A 55 -5.97 16.81 13.93
CA GLY A 55 -5.34 15.83 14.79
C GLY A 55 -4.04 15.25 14.27
N GLN A 56 -3.70 15.49 13.01
CA GLN A 56 -2.46 14.95 12.49
C GLN A 56 -1.27 15.65 13.13
N THR A 57 -0.14 14.95 13.13
CA THR A 57 1.14 15.53 13.50
C THR A 57 1.72 16.18 12.26
N ILE A 58 2.24 17.40 12.40
CA ILE A 58 2.67 18.18 11.27
C ILE A 58 4.18 18.27 11.27
N TYR A 59 4.76 18.33 10.07
CA TYR A 59 6.16 18.70 9.87
C TYR A 59 6.28 20.22 9.81
N THR A 60 7.21 20.76 10.58
CA THR A 60 7.47 22.20 10.59
C THR A 60 8.87 22.44 10.05
N PRO A 61 9.03 22.75 8.75
CA PRO A 61 10.39 22.89 8.21
C PRO A 61 11.20 23.98 8.86
N SER A 62 10.56 25.03 9.37
CA SER A 62 11.33 26.11 9.98
C SER A 62 12.05 25.66 11.25
N LYS A 63 11.64 24.55 11.85
CA LYS A 63 12.27 24.02 13.06
C LYS A 63 13.35 22.99 12.76
N SER A 64 13.64 22.72 11.49
CA SER A 64 14.62 21.73 11.09
C SER A 64 15.82 22.45 10.50
N THR A 65 17.00 22.21 11.08
CA THR A 65 18.20 22.91 10.66
C THR A 65 18.75 22.35 9.35
N THR A 66 18.22 21.22 8.90
CA THR A 66 18.63 20.60 7.65
C THR A 66 17.60 20.78 6.55
N ALA A 67 16.48 21.44 6.83
CA ALA A 67 15.47 21.67 5.80
C ALA A 67 15.88 22.80 4.88
N LYS A 68 15.67 22.60 3.58
CA LYS A 68 15.97 23.61 2.57
C LYS A 68 14.80 23.63 1.59
N LEU A 69 14.25 24.82 1.35
CA LEU A 69 13.20 24.94 0.36
C LEU A 69 13.76 24.55 -1.00
N LEU A 70 13.02 23.71 -1.73
CA LEU A 70 13.37 23.38 -3.11
C LEU A 70 12.70 24.45 -3.96
N SER A 71 13.48 25.47 -4.32
CA SER A 71 12.93 26.68 -4.91
CA SER A 71 12.92 26.68 -4.91
C SER A 71 12.14 26.39 -6.18
N GLY A 72 10.92 26.91 -6.24
CA GLY A 72 10.08 26.80 -7.41
C GLY A 72 9.32 25.51 -7.55
N ALA A 73 9.59 24.53 -6.70
CA ALA A 73 8.99 23.21 -6.88
C ALA A 73 7.61 23.14 -6.25
N THR A 74 6.67 22.54 -6.98
CA THR A 74 5.34 22.27 -6.45
C THR A 74 4.96 20.84 -6.79
N TRP A 75 3.91 20.37 -6.13
CA TRP A 75 3.42 19.03 -6.35
C TRP A 75 1.91 19.02 -6.19
N SER A 76 1.29 18.03 -6.81
CA SER A 76 -0.16 17.91 -6.78
C SER A 76 -0.51 16.51 -7.22
N ILE A 77 -1.29 15.79 -6.43
CA ILE A 77 -1.54 14.40 -6.69
C ILE A 77 -3.00 14.06 -6.47
N SER A 78 -3.49 13.10 -7.27
CA SER A 78 -4.83 12.56 -7.14
C SER A 78 -4.70 11.04 -7.04
N TYR A 79 -5.42 10.45 -6.10
CA TYR A 79 -5.33 9.02 -5.86
C TYR A 79 -6.56 8.31 -6.43
N GLY A 80 -6.52 6.98 -6.38
CA GLY A 80 -7.53 6.16 -7.01
C GLY A 80 -8.96 6.44 -6.58
N ASP A 81 -9.16 7.00 -5.39
CA ASP A 81 -10.50 7.24 -4.85
C ASP A 81 -10.97 8.68 -5.07
N GLY A 82 -10.19 9.49 -5.78
CA GLY A 82 -10.52 10.87 -5.97
C GLY A 82 -10.03 11.79 -4.86
N SER A 83 -9.29 11.28 -3.89
CA SER A 83 -8.68 12.17 -2.91
C SER A 83 -7.43 12.80 -3.51
N SER A 84 -6.96 13.87 -2.88
CA SER A 84 -5.92 14.69 -3.49
C SER A 84 -5.23 15.52 -2.42
N SER A 85 -4.04 16.02 -2.78
CA SER A 85 -3.27 16.90 -1.94
C SER A 85 -2.27 17.61 -2.84
N SER A 86 -1.75 18.75 -2.35
CA SER A 86 -0.83 19.56 -3.14
C SER A 86 -0.06 20.50 -2.22
N GLY A 87 1.06 21.02 -2.74
CA GLY A 87 1.82 21.98 -1.97
C GLY A 87 3.17 22.28 -2.59
N ASP A 88 4.13 22.62 -1.73
CA ASP A 88 5.49 22.97 -2.12
C ASP A 88 6.45 21.89 -1.57
N VAL A 89 7.75 22.11 -1.70
CA VAL A 89 8.71 21.04 -1.48
C VAL A 89 9.94 21.55 -0.75
N TYR A 90 10.39 20.78 0.23
CA TYR A 90 11.66 20.93 0.92
C TYR A 90 12.52 19.72 0.64
N THR A 91 13.83 19.86 0.80
CA THR A 91 14.67 18.68 0.99
C THR A 91 15.08 18.63 2.45
N ASP A 92 15.18 17.42 2.98
CA ASP A 92 15.55 17.26 4.37
C ASP A 92 16.04 15.84 4.58
N THR A 93 16.57 15.59 5.77
CA THR A 93 17.02 14.26 6.14
C THR A 93 15.85 13.43 6.61
N VAL A 94 15.71 12.23 6.04
CA VAL A 94 14.62 11.34 6.34
C VAL A 94 15.18 9.98 6.72
N SER A 95 14.73 9.42 7.85
CA SER A 95 15.17 8.13 8.30
C SER A 95 13.98 7.22 8.56
N VAL A 96 14.12 5.97 8.17
CA VAL A 96 13.12 4.92 8.37
C VAL A 96 13.83 3.76 9.03
N GLY A 97 13.47 3.45 10.27
CA GLY A 97 13.97 2.25 10.91
C GLY A 97 15.48 2.16 10.94
N GLY A 98 16.16 3.31 11.10
CA GLY A 98 17.61 3.34 11.18
C GLY A 98 18.31 3.62 9.86
N LEU A 99 17.59 3.65 8.75
CA LEU A 99 18.15 3.93 7.44
C LEU A 99 17.91 5.40 7.10
N THR A 100 19.00 6.13 6.81
CA THR A 100 18.95 7.57 6.65
C THR A 100 19.27 7.98 5.20
N VAL A 101 18.42 8.85 4.64
CA VAL A 101 18.64 9.49 3.34
C VAL A 101 18.77 10.98 3.59
N THR A 102 19.85 11.58 3.13
CA THR A 102 19.94 13.03 3.13
C THR A 102 19.45 13.57 1.80
N GLY A 103 18.89 14.79 1.83
CA GLY A 103 18.42 15.43 0.61
C GLY A 103 17.16 14.83 0.03
N GLN A 104 16.38 14.14 0.83
CA GLN A 104 15.12 13.59 0.36
C GLN A 104 14.11 14.71 0.13
N ALA A 105 13.41 14.64 -1.00
CA ALA A 105 12.30 15.55 -1.22
C ALA A 105 11.16 15.23 -0.27
N VAL A 106 10.82 16.20 0.57
CA VAL A 106 9.71 16.11 1.51
C VAL A 106 8.66 17.11 1.03
N GLU A 107 7.55 16.59 0.53
CA GLU A 107 6.54 17.43 -0.11
C GLU A 107 5.57 17.90 0.97
N SER A 108 5.49 19.20 1.15
CA SER A 108 4.74 19.80 2.24
C SER A 108 3.35 20.19 1.75
N ALA A 109 2.31 19.63 2.37
CA ALA A 109 0.96 19.89 1.91
C ALA A 109 0.51 21.29 2.29
N LYS A 110 0.07 22.06 1.29
CA LYS A 110 -0.72 23.25 1.56
C LYS A 110 -2.20 22.96 1.57
N LYS A 111 -2.63 21.96 0.80
CA LYS A 111 -4.03 21.58 0.70
C LYS A 111 -4.13 20.06 0.73
N VAL A 112 -5.14 19.53 1.43
CA VAL A 112 -5.48 18.11 1.40
C VAL A 112 -7.00 17.98 1.30
N SER A 113 -7.45 16.90 0.67
CA SER A 113 -8.90 16.70 0.55
C SER A 113 -9.46 16.09 1.82
N SER A 114 -10.78 15.99 1.86
CA SER A 114 -11.48 15.72 3.11
C SER A 114 -11.10 14.35 3.69
N SER A 115 -10.88 13.34 2.84
CA SER A 115 -10.58 12.01 3.37
C SER A 115 -9.28 12.00 4.15
N PHE A 116 -8.33 12.85 3.78
CA PHE A 116 -7.09 12.97 4.55
C PHE A 116 -7.34 13.72 5.85
N THR A 117 -8.05 14.85 5.80
CA THR A 117 -8.37 15.59 7.00
C THR A 117 -9.06 14.70 8.02
N GLU A 118 -10.00 13.89 7.56
CA GLU A 118 -10.85 13.10 8.44
C GLU A 118 -10.13 11.92 9.07
N ASP A 119 -8.93 11.58 8.60
CA ASP A 119 -8.16 10.47 9.14
C ASP A 119 -6.99 11.03 9.95
N SER A 120 -7.21 11.18 11.25
CA SER A 120 -6.22 11.80 12.13
C SER A 120 -5.01 10.91 12.35
N THR A 121 -5.05 9.64 11.96
CA THR A 121 -3.97 8.71 12.22
C THR A 121 -2.88 8.72 11.15
N ILE A 122 -3.12 9.34 9.99
CA ILE A 122 -2.17 9.32 8.88
C ILE A 122 -1.64 10.74 8.68
N ASP A 123 -0.34 10.91 8.91
CA ASP A 123 0.33 12.19 8.83
C ASP A 123 0.90 12.49 7.46
N GLY A 124 0.78 11.54 6.53
CA GLY A 124 1.25 11.72 5.17
C GLY A 124 1.48 10.35 4.54
N LEU A 125 2.01 10.39 3.34
CA LEU A 125 2.29 9.19 2.55
C LEU A 125 3.77 9.13 2.23
N LEU A 126 4.30 7.92 2.12
CA LEU A 126 5.66 7.66 1.64
C LEU A 126 5.57 6.72 0.45
N GLY A 127 5.79 7.27 -0.74
CA GLY A 127 5.59 6.52 -1.95
C GLY A 127 6.76 5.60 -2.23
N LEU A 128 6.44 4.38 -2.70
CA LEU A 128 7.43 3.35 -2.99
C LEU A 128 7.22 2.72 -4.37
N ALA A 129 6.43 3.35 -5.22
CA ALA A 129 6.39 2.93 -6.61
C ALA A 129 7.59 3.57 -7.33
N PHE A 130 7.63 3.50 -8.65
CA PHE A 130 8.80 3.98 -9.36
C PHE A 130 8.78 5.49 -9.49
N SER A 131 9.99 6.09 -9.46
CA SER A 131 10.10 7.54 -9.38
C SER A 131 9.56 8.26 -10.60
N THR A 132 9.35 7.54 -11.70
CA THR A 132 8.72 8.13 -12.87
C THR A 132 7.30 8.63 -12.58
N LEU A 133 6.65 8.16 -11.49
CA LEU A 133 5.33 8.68 -11.16
C LEU A 133 5.36 9.88 -10.21
N ASN A 134 6.54 10.33 -9.76
CA ASN A 134 6.58 11.42 -8.81
C ASN A 134 6.03 12.70 -9.45
N THR A 135 5.22 13.45 -8.71
CA THR A 135 4.49 14.58 -9.27
C THR A 135 5.20 15.93 -9.13
N VAL A 136 6.37 15.98 -8.50
CA VAL A 136 7.02 17.27 -8.34
C VAL A 136 7.36 17.88 -9.69
N SER A 137 7.07 19.18 -9.81
CA SER A 137 7.29 19.96 -11.01
C SER A 137 8.03 21.23 -10.61
N PRO A 138 8.97 21.72 -11.45
CA PRO A 138 9.33 21.23 -12.79
C PRO A 138 10.42 20.18 -12.81
N THR A 139 10.94 19.80 -11.64
CA THR A 139 12.03 18.85 -11.53
C THR A 139 11.53 17.67 -10.71
N GLN A 140 11.29 16.55 -11.39
CA GLN A 140 10.77 15.38 -10.73
C GLN A 140 11.78 14.86 -9.72
N GLN A 141 11.27 14.36 -8.60
CA GLN A 141 12.08 13.92 -7.47
C GLN A 141 12.01 12.40 -7.28
N LYS A 142 13.02 11.87 -6.61
CA LYS A 142 13.14 10.43 -6.40
C LYS A 142 12.49 9.98 -5.10
N THR A 143 12.00 8.75 -5.08
CA THR A 143 11.44 8.20 -3.87
C THR A 143 12.55 7.94 -2.85
N PHE A 144 12.11 7.72 -1.60
CA PHE A 144 13.03 7.35 -0.52
C PHE A 144 13.82 6.10 -0.89
N PHE A 145 13.13 5.07 -1.42
CA PHE A 145 13.84 3.85 -1.79
C PHE A 145 14.85 4.10 -2.90
N ASP A 146 14.48 4.88 -3.93
CA ASP A 146 15.42 5.17 -5.01
C ASP A 146 16.65 5.89 -4.47
N ASN A 147 16.45 6.87 -3.58
CA ASN A 147 17.59 7.57 -3.00
C ASN A 147 18.44 6.66 -2.13
N ALA A 148 17.84 5.70 -1.42
CA ALA A 148 18.63 4.84 -0.53
C ALA A 148 19.32 3.70 -1.26
N LYS A 149 18.85 3.36 -2.45
CA LYS A 149 19.13 2.05 -3.04
C LYS A 149 20.64 1.76 -3.12
N ALA A 150 21.42 2.73 -3.55
CA ALA A 150 22.85 2.48 -3.76
C ALA A 150 23.55 2.16 -2.45
N SER A 151 23.04 2.67 -1.34
CA SER A 151 23.64 2.47 -0.03
C SER A 151 23.20 1.17 0.61
N LEU A 152 22.14 0.55 0.12
CA LEU A 152 21.59 -0.63 0.77
C LEU A 152 22.48 -1.85 0.52
N ASP A 153 22.47 -2.77 1.47
CA ASP A 153 23.22 -4.02 1.28
C ASP A 153 22.73 -4.76 0.03
N SER A 154 21.44 -4.72 -0.23
CA SER A 154 20.82 -5.33 -1.40
CA SER A 154 20.83 -5.33 -1.40
C SER A 154 19.71 -4.37 -1.82
N PRO A 155 19.50 -4.18 -3.13
CA PRO A 155 18.56 -3.15 -3.60
C PRO A 155 17.09 -3.58 -3.55
N VAL A 156 16.60 -3.80 -2.33
CA VAL A 156 15.28 -4.39 -2.10
C VAL A 156 14.63 -3.76 -0.88
N PHE A 157 13.31 -3.82 -0.85
CA PHE A 157 12.58 -3.65 0.39
C PHE A 157 11.51 -4.73 0.47
N THR A 158 11.06 -5.03 1.69
CA THR A 158 10.06 -6.07 1.88
C THR A 158 8.92 -5.52 2.69
N ALA A 159 7.73 -6.01 2.37
CA ALA A 159 6.50 -5.70 3.07
C ALA A 159 5.96 -6.96 3.72
N ASP A 160 5.73 -6.88 5.03
CA ASP A 160 5.22 -8.00 5.83
C ASP A 160 4.09 -7.42 6.68
N LEU A 161 2.93 -7.24 6.05
CA LEU A 161 1.80 -6.63 6.74
C LEU A 161 1.10 -7.66 7.60
N GLY A 162 0.65 -7.22 8.77
CA GLY A 162 -0.06 -8.09 9.67
C GLY A 162 -1.56 -8.09 9.44
N TYR A 163 -2.19 -9.19 9.82
CA TYR A 163 -3.65 -9.26 9.90
C TYR A 163 -4.07 -8.87 11.31
N HIS A 164 -4.74 -7.73 11.42
CA HIS A 164 -5.18 -7.22 12.71
C HIS A 164 -4.02 -7.21 13.70
N ALA A 165 -2.82 -6.88 13.24
CA ALA A 165 -1.63 -6.95 14.07
C ALA A 165 -0.51 -6.18 13.36
N PRO A 166 0.51 -5.77 14.11
CA PRO A 166 1.63 -5.06 13.46
C PRO A 166 2.42 -5.97 12.55
N GLY A 167 3.17 -5.34 11.64
CA GLY A 167 4.07 -6.01 10.72
C GLY A 167 5.33 -5.20 10.54
N THR A 168 6.03 -5.41 9.43
CA THR A 168 7.35 -4.82 9.25
C THR A 168 7.60 -4.45 7.80
N TYR A 169 8.27 -3.30 7.60
CA TYR A 169 8.92 -2.94 6.35
C TYR A 169 10.41 -2.99 6.59
N ASN A 170 11.11 -3.78 5.77
CA ASN A 170 12.57 -3.85 5.83
C ASN A 170 13.15 -3.29 4.54
N PHE A 171 14.28 -2.62 4.68
CA PHE A 171 15.02 -2.06 3.55
C PHE A 171 16.41 -2.65 3.51
N GLY A 172 16.80 -3.20 2.37
CA GLY A 172 18.16 -3.62 2.15
C GLY A 172 18.49 -5.05 2.47
N PHE A 173 17.53 -5.83 2.98
CA PHE A 173 17.82 -7.22 3.33
C PHE A 173 16.52 -8.01 3.38
N ILE A 174 16.64 -9.32 3.24
N ILE A 174 16.67 -9.32 3.19
CA ILE A 174 15.50 -10.24 3.29
CA ILE A 174 15.60 -10.31 3.32
C ILE A 174 15.63 -11.08 4.56
C ILE A 174 15.73 -10.96 4.68
N ASP A 175 14.67 -10.91 5.48
CA ASP A 175 14.66 -11.61 6.76
C ASP A 175 14.17 -13.03 6.50
N THR A 176 15.10 -13.98 6.44
CA THR A 176 14.71 -15.36 6.17
C THR A 176 13.93 -16.00 7.31
N THR A 177 13.83 -15.36 8.46
CA THR A 177 13.00 -15.89 9.54
C THR A 177 11.53 -15.45 9.44
N ALA A 178 11.21 -14.58 8.50
CA ALA A 178 9.89 -13.93 8.44
C ALA A 178 8.90 -14.67 7.53
N TYR A 179 9.31 -15.73 6.86
CA TYR A 179 8.43 -16.44 5.94
C TYR A 179 8.67 -17.93 6.05
N THR A 180 7.76 -18.70 5.48
CA THR A 180 7.88 -20.15 5.40
C THR A 180 8.14 -20.53 3.96
N GLY A 181 8.73 -21.72 3.78
CA GLY A 181 8.99 -22.20 2.44
C GLY A 181 9.97 -21.28 1.74
N SER A 182 9.79 -21.15 0.43
N SER A 182 9.79 -21.16 0.43
CA SER A 182 10.68 -20.37 -0.42
CA SER A 182 10.66 -20.36 -0.43
C SER A 182 9.92 -19.19 -1.01
C SER A 182 9.90 -19.14 -0.95
N ILE A 183 10.68 -18.19 -1.45
CA ILE A 183 10.12 -17.02 -2.10
C ILE A 183 10.05 -17.31 -3.59
N THR A 184 8.88 -17.11 -4.20
CA THR A 184 8.73 -17.28 -5.64
C THR A 184 8.76 -15.90 -6.27
N TYR A 185 9.69 -15.70 -7.19
CA TYR A 185 9.84 -14.43 -7.87
C TYR A 185 9.13 -14.44 -9.21
N THR A 186 8.62 -13.27 -9.60
CA THR A 186 7.81 -13.10 -10.80
C THR A 186 8.15 -11.76 -11.45
N ALA A 187 7.99 -11.71 -12.76
CA ALA A 187 8.42 -10.56 -13.52
C ALA A 187 7.55 -9.33 -13.25
N VAL A 188 8.17 -8.17 -13.39
CA VAL A 188 7.53 -6.88 -13.16
C VAL A 188 7.64 -6.06 -14.45
N SER A 189 6.55 -5.37 -14.79
CA SER A 189 6.59 -4.32 -15.80
C SER A 189 6.58 -2.98 -15.09
N THR A 190 7.54 -2.11 -15.42
CA THR A 190 7.57 -0.77 -14.87
C THR A 190 6.99 0.27 -15.82
N LYS A 191 6.29 -0.18 -16.87
CA LYS A 191 5.90 0.75 -17.95
C LYS A 191 4.84 1.74 -17.50
N GLN A 192 4.04 1.39 -16.49
CA GLN A 192 3.06 2.31 -15.92
C GLN A 192 3.54 2.93 -14.62
N GLY A 193 4.79 2.68 -14.22
CA GLY A 193 5.38 3.19 -13.00
C GLY A 193 5.03 2.41 -11.74
N PHE A 194 4.30 1.30 -11.86
CA PHE A 194 3.85 0.50 -10.72
C PHE A 194 4.65 -0.80 -10.65
N TRP A 195 4.47 -1.49 -9.51
CA TRP A 195 4.98 -2.85 -9.33
C TRP A 195 3.91 -3.76 -9.93
N GLU A 196 3.92 -3.83 -11.27
CA GLU A 196 2.91 -4.51 -12.06
C GLU A 196 3.39 -5.90 -12.42
N TRP A 197 2.55 -6.90 -12.19
CA TRP A 197 2.95 -8.30 -12.37
C TRP A 197 1.72 -9.06 -12.84
N THR A 198 1.91 -10.34 -13.16
CA THR A 198 0.82 -11.19 -13.67
C THR A 198 0.66 -12.42 -12.79
N SER A 199 -0.44 -12.47 -12.06
CA SER A 199 -0.78 -13.66 -11.30
C SER A 199 -1.20 -14.78 -12.27
N THR A 200 -0.94 -16.01 -11.86
CA THR A 200 -1.20 -17.16 -12.71
C THR A 200 -2.56 -17.80 -12.51
N GLY A 201 -3.38 -17.27 -11.59
CA GLY A 201 -4.75 -17.74 -11.48
C GLY A 201 -5.27 -17.66 -10.06
N TYR A 202 -6.35 -18.38 -9.79
CA TYR A 202 -6.99 -18.26 -8.49
C TYR A 202 -7.78 -19.53 -8.17
N ALA A 203 -8.10 -19.67 -6.88
CA ALA A 203 -9.07 -20.65 -6.42
C ALA A 203 -9.93 -20.01 -5.33
N VAL A 204 -11.15 -20.50 -5.19
CA VAL A 204 -12.09 -20.04 -4.18
C VAL A 204 -12.26 -21.18 -3.19
N GLY A 205 -11.97 -20.92 -1.93
CA GLY A 205 -12.07 -21.96 -0.92
C GLY A 205 -11.28 -23.19 -1.31
N SER A 206 -11.90 -24.35 -1.12
CA SER A 206 -11.27 -25.62 -1.45
CA SER A 206 -11.27 -25.62 -1.45
C SER A 206 -11.47 -26.01 -2.91
N GLY A 207 -11.97 -25.09 -3.74
CA GLY A 207 -12.19 -25.36 -5.14
C GLY A 207 -10.91 -25.54 -5.94
N THR A 208 -11.09 -26.01 -7.17
CA THR A 208 -9.95 -26.25 -8.03
C THR A 208 -9.35 -24.93 -8.51
N PHE A 209 -8.05 -24.94 -8.71
CA PHE A 209 -7.36 -23.75 -9.17
C PHE A 209 -7.64 -23.51 -10.64
N LYS A 210 -7.99 -22.27 -10.98
CA LYS A 210 -8.23 -21.85 -12.35
C LYS A 210 -6.97 -21.14 -12.84
N SER A 211 -6.37 -21.70 -13.88
CA SER A 211 -5.20 -21.09 -14.49
C SER A 211 -5.66 -19.99 -15.44
N THR A 212 -5.24 -18.77 -15.17
CA THR A 212 -5.63 -17.63 -15.97
C THR A 212 -4.73 -16.47 -15.56
N SER A 213 -4.29 -15.70 -16.54
CA SER A 213 -3.38 -14.59 -16.28
C SER A 213 -4.14 -13.37 -15.80
N ILE A 214 -3.73 -12.82 -14.67
CA ILE A 214 -4.37 -11.65 -14.09
C ILE A 214 -3.27 -10.60 -13.86
N ASP A 215 -3.21 -9.60 -14.73
CA ASP A 215 -2.26 -8.51 -14.59
CA ASP A 215 -2.25 -8.52 -14.59
C ASP A 215 -2.75 -7.54 -13.53
N GLY A 216 -1.87 -7.14 -12.61
CA GLY A 216 -2.28 -6.23 -11.57
C GLY A 216 -1.06 -5.63 -10.88
N ILE A 217 -1.32 -4.77 -9.90
CA ILE A 217 -0.25 -4.07 -9.21
C ILE A 217 -0.22 -4.46 -7.74
N ALA A 218 0.98 -4.54 -7.18
CA ALA A 218 1.15 -4.78 -5.76
C ALA A 218 1.14 -3.42 -5.09
N ASP A 219 0.08 -3.12 -4.34
CA ASP A 219 -0.22 -1.76 -3.87
C ASP A 219 -0.53 -1.76 -2.37
N THR A 220 0.49 -1.48 -1.55
CA THR A 220 0.25 -1.43 -0.10
C THR A 220 -0.67 -0.27 0.31
N GLY A 221 -0.87 0.72 -0.54
CA GLY A 221 -1.71 1.86 -0.22
C GLY A 221 -3.17 1.71 -0.54
N THR A 222 -3.58 0.55 -1.06
CA THR A 222 -4.99 0.23 -1.30
C THR A 222 -5.39 -0.85 -0.30
N THR A 223 -6.55 -0.67 0.32
CA THR A 223 -6.98 -1.58 1.39
C THR A 223 -7.33 -2.97 0.85
N LEU A 224 -8.11 -3.02 -0.21
CA LEU A 224 -8.80 -4.24 -0.64
C LEU A 224 -8.12 -4.87 -1.86
N LEU A 225 -8.69 -5.99 -2.29
CA LEU A 225 -8.23 -6.75 -3.45
C LEU A 225 -9.24 -6.54 -4.56
N TYR A 226 -8.81 -5.92 -5.66
CA TYR A 226 -9.67 -5.58 -6.78
C TYR A 226 -9.29 -6.45 -7.97
N LEU A 227 -10.22 -7.27 -8.43
CA LEU A 227 -9.95 -8.27 -9.45
C LEU A 227 -11.06 -8.26 -10.49
N PRO A 228 -10.89 -8.92 -11.64
CA PRO A 228 -11.91 -8.87 -12.69
C PRO A 228 -13.26 -9.38 -12.19
N ALA A 229 -14.32 -8.83 -12.78
CA ALA A 229 -15.67 -9.13 -12.34
C ALA A 229 -15.98 -10.62 -12.37
N THR A 230 -15.42 -11.37 -13.34
CA THR A 230 -15.67 -12.81 -13.40
C THR A 230 -15.13 -13.51 -12.16
N VAL A 231 -13.91 -13.13 -11.75
CA VAL A 231 -13.27 -13.74 -10.58
C VAL A 231 -14.04 -13.42 -9.32
N VAL A 232 -14.42 -12.14 -9.16
CA VAL A 232 -15.08 -11.67 -7.96
C VAL A 232 -16.47 -12.28 -7.84
N SER A 233 -17.18 -12.42 -8.96
CA SER A 233 -18.48 -13.08 -8.95
C SER A 233 -18.35 -14.52 -8.52
N ALA A 234 -17.34 -15.22 -9.04
CA ALA A 234 -17.09 -16.61 -8.65
C ALA A 234 -16.82 -16.75 -7.15
N TYR A 235 -16.13 -15.77 -6.55
CA TYR A 235 -15.87 -15.82 -5.11
C TYR A 235 -17.16 -15.63 -4.31
N TRP A 236 -17.90 -14.55 -4.59
CA TRP A 236 -19.06 -14.21 -3.76
C TRP A 236 -20.23 -15.17 -3.98
N ALA A 237 -20.28 -15.88 -5.11
CA ALA A 237 -21.26 -16.93 -5.31
C ALA A 237 -21.15 -18.04 -4.28
N GLN A 238 -20.01 -18.17 -3.61
CA GLN A 238 -19.87 -19.22 -2.59
C GLN A 238 -20.30 -18.75 -1.21
N VAL A 239 -20.83 -17.54 -1.09
CA VAL A 239 -21.24 -16.96 0.18
C VAL A 239 -22.74 -16.72 0.13
N SER A 240 -23.51 -17.45 0.94
CA SER A 240 -24.95 -17.31 0.88
CA SER A 240 -24.95 -17.31 0.88
C SER A 240 -25.37 -15.90 1.27
N GLY A 241 -26.21 -15.28 0.44
CA GLY A 241 -26.72 -13.96 0.69
C GLY A 241 -25.84 -12.83 0.22
N ALA A 242 -24.67 -13.11 -0.33
CA ALA A 242 -23.80 -12.05 -0.82
C ALA A 242 -24.35 -11.48 -2.11
N LYS A 243 -24.15 -10.18 -2.29
CA LYS A 243 -24.69 -9.49 -3.45
C LYS A 243 -23.87 -8.24 -3.70
N SER A 244 -23.91 -7.76 -4.93
CA SER A 244 -23.30 -6.49 -5.28
C SER A 244 -24.36 -5.40 -5.08
N SER A 245 -24.03 -4.40 -4.27
CA SER A 245 -24.94 -3.31 -3.95
C SER A 245 -24.42 -2.03 -4.59
N SER A 246 -25.18 -1.46 -5.52
CA SER A 246 -24.78 -0.18 -6.08
CA SER A 246 -24.80 -0.18 -6.09
C SER A 246 -24.88 0.94 -5.05
N SER A 247 -25.84 0.85 -4.13
CA SER A 247 -25.99 1.89 -3.13
C SER A 247 -24.82 1.89 -2.15
N VAL A 248 -24.31 0.71 -1.80
CA VAL A 248 -23.16 0.66 -0.90
C VAL A 248 -21.85 0.84 -1.66
N GLY A 249 -21.79 0.40 -2.92
CA GLY A 249 -20.60 0.56 -3.72
C GLY A 249 -19.73 -0.69 -3.84
N GLY A 250 -20.32 -1.87 -3.72
CA GLY A 250 -19.58 -3.09 -3.91
C GLY A 250 -20.33 -4.27 -3.34
N TYR A 251 -19.64 -5.39 -3.32
CA TYR A 251 -20.20 -6.60 -2.73
C TYR A 251 -20.29 -6.48 -1.21
N VAL A 252 -21.45 -6.91 -0.70
CA VAL A 252 -21.76 -7.00 0.71
C VAL A 252 -22.22 -8.42 0.98
N PHE A 253 -22.17 -8.82 2.24
CA PHE A 253 -22.52 -10.18 2.61
C PHE A 253 -23.06 -10.18 4.03
N PRO A 254 -23.86 -11.18 4.39
CA PRO A 254 -24.37 -11.23 5.76
C PRO A 254 -23.26 -11.36 6.77
N CYS A 255 -23.29 -10.51 7.81
CA CYS A 255 -22.20 -10.54 8.78
C CYS A 255 -22.14 -11.88 9.50
N SER A 256 -23.22 -12.65 9.46
CA SER A 256 -23.26 -13.98 10.07
C SER A 256 -22.51 -15.04 9.27
N ALA A 257 -22.03 -14.72 8.08
CA ALA A 257 -21.38 -15.70 7.24
C ALA A 257 -19.98 -16.05 7.72
N THR A 258 -19.54 -17.24 7.34
CA THR A 258 -18.15 -17.64 7.42
C THR A 258 -17.62 -17.62 5.99
N LEU A 259 -16.58 -16.79 5.75
CA LEU A 259 -16.15 -16.60 4.37
C LEU A 259 -15.16 -17.68 3.97
N PRO A 260 -15.19 -18.08 2.69
CA PRO A 260 -14.14 -18.97 2.18
C PRO A 260 -12.85 -18.22 1.92
N SER A 261 -11.76 -18.99 1.90
CA SER A 261 -10.48 -18.43 1.53
C SER A 261 -10.45 -18.11 0.05
N PHE A 262 -9.40 -17.37 -0.34
CA PHE A 262 -9.14 -17.04 -1.73
C PHE A 262 -7.66 -17.26 -2.00
N THR A 263 -7.34 -18.07 -3.01
CA THR A 263 -5.97 -18.36 -3.37
C THR A 263 -5.61 -17.64 -4.66
N PHE A 264 -4.43 -17.02 -4.71
CA PHE A 264 -3.90 -16.48 -5.96
C PHE A 264 -2.55 -17.11 -6.31
N GLY A 265 -2.31 -17.25 -7.62
CA GLY A 265 -1.07 -17.85 -8.08
C GLY A 265 0.05 -16.85 -8.28
N VAL A 266 1.25 -17.28 -7.90
CA VAL A 266 2.50 -16.58 -8.18
C VAL A 266 3.36 -17.64 -8.85
N GLY A 267 3.48 -17.57 -10.17
CA GLY A 267 4.11 -18.68 -10.85
C GLY A 267 3.43 -19.97 -10.48
N SER A 268 4.23 -21.00 -10.19
CA SER A 268 3.67 -22.28 -9.76
CA SER A 268 3.69 -22.29 -9.75
C SER A 268 3.30 -22.31 -8.28
N ALA A 269 3.58 -21.24 -7.52
CA ALA A 269 3.27 -21.19 -6.10
C ALA A 269 1.89 -20.58 -5.87
N ARG A 270 1.42 -20.69 -4.63
CA ARG A 270 0.06 -20.29 -4.28
C ARG A 270 0.10 -19.56 -2.96
N ILE A 271 -0.59 -18.42 -2.90
CA ILE A 271 -0.77 -17.66 -1.66
C ILE A 271 -2.24 -17.77 -1.28
N VAL A 272 -2.51 -18.15 -0.04
CA VAL A 272 -3.87 -18.37 0.44
C VAL A 272 -4.25 -17.23 1.36
N ILE A 273 -5.30 -16.50 0.99
CA ILE A 273 -5.88 -15.45 1.84
C ILE A 273 -6.98 -16.10 2.66
N PRO A 274 -6.84 -16.19 4.00
CA PRO A 274 -7.92 -16.78 4.79
C PRO A 274 -9.19 -15.97 4.68
N GLY A 275 -10.32 -16.65 4.84
CA GLY A 275 -11.61 -15.97 4.67
C GLY A 275 -11.78 -14.79 5.61
N ASP A 276 -11.26 -14.89 6.83
CA ASP A 276 -11.44 -13.81 7.79
C ASP A 276 -10.80 -12.51 7.29
N TYR A 277 -9.77 -12.62 6.45
CA TYR A 277 -9.10 -11.41 5.94
C TYR A 277 -10.00 -10.62 5.00
N ILE A 278 -11.07 -11.27 4.50
CA ILE A 278 -11.96 -10.68 3.50
C ILE A 278 -13.15 -10.00 4.14
N ASP A 279 -13.27 -10.05 5.48
CA ASP A 279 -14.38 -9.43 6.21
C ASP A 279 -13.97 -8.01 6.64
N PHE A 280 -14.66 -7.00 6.09
CA PHE A 280 -14.41 -5.61 6.46
C PHE A 280 -15.54 -5.01 7.30
N GLY A 281 -16.37 -5.87 7.88
CA GLY A 281 -17.24 -5.44 8.95
C GLY A 281 -18.47 -4.73 8.47
N PRO A 282 -19.31 -4.30 9.40
CA PRO A 282 -20.60 -3.71 9.01
C PRO A 282 -20.45 -2.50 8.11
N ILE A 283 -21.38 -2.37 7.17
CA ILE A 283 -21.29 -1.26 6.20
C ILE A 283 -21.48 0.08 6.90
N SER A 284 -22.28 0.08 7.96
CA SER A 284 -22.46 1.20 8.86
C SER A 284 -22.62 0.64 10.25
N THR A 285 -22.36 1.47 11.25
CA THR A 285 -22.41 1.00 12.61
C THR A 285 -23.73 0.28 12.92
N GLY A 286 -23.62 -0.95 13.43
CA GLY A 286 -24.76 -1.72 13.85
C GLY A 286 -25.45 -2.51 12.76
N SER A 287 -25.03 -2.38 11.51
CA SER A 287 -25.66 -3.11 10.43
C SER A 287 -25.26 -4.58 10.48
N SER A 288 -26.17 -5.45 10.02
CA SER A 288 -25.82 -6.86 9.79
C SER A 288 -25.37 -7.15 8.36
N SER A 289 -25.19 -6.12 7.54
CA SER A 289 -24.59 -6.28 6.23
CA SER A 289 -24.59 -6.28 6.22
C SER A 289 -23.14 -5.86 6.34
N CYS A 290 -22.24 -6.71 5.88
CA CYS A 290 -20.82 -6.52 6.01
C CYS A 290 -20.19 -6.30 4.64
N PHE A 291 -19.13 -5.51 4.61
CA PHE A 291 -18.49 -5.15 3.34
C PHE A 291 -17.40 -6.14 2.98
N GLY A 292 -17.39 -6.56 1.72
CA GLY A 292 -16.42 -7.55 1.28
C GLY A 292 -15.04 -6.97 0.99
N GLY A 293 -14.01 -7.80 1.24
CA GLY A 293 -12.64 -7.39 0.98
C GLY A 293 -12.11 -7.70 -0.41
N ILE A 294 -12.89 -8.40 -1.21
CA ILE A 294 -12.60 -8.67 -2.62
C ILE A 294 -13.68 -7.96 -3.41
N GLN A 295 -13.27 -7.08 -4.31
CA GLN A 295 -14.20 -6.25 -5.05
C GLN A 295 -13.80 -6.24 -6.52
N SER A 296 -14.75 -5.84 -7.37
CA SER A 296 -14.50 -5.80 -8.81
C SER A 296 -13.61 -4.62 -9.17
N SER A 297 -12.66 -4.85 -10.07
CA SER A 297 -11.83 -3.80 -10.66
C SER A 297 -12.47 -3.17 -11.90
N ALA A 298 -13.64 -3.62 -12.32
N ALA A 298 -13.68 -3.56 -12.27
CA ALA A 298 -14.29 -3.04 -13.49
CA ALA A 298 -14.21 -3.18 -13.58
C ALA A 298 -14.62 -1.59 -13.20
C ALA A 298 -14.27 -1.67 -13.78
N GLY A 299 -14.12 -0.69 -14.03
N GLY A 299 -14.55 -0.89 -12.74
CA GLY A 299 -14.28 0.73 -13.77
CA GLY A 299 -14.61 0.55 -12.89
C GLY A 299 -13.15 1.37 -13.00
C GLY A 299 -13.30 1.28 -12.77
N ILE A 300 -12.21 0.58 -12.47
CA ILE A 300 -10.93 1.14 -12.05
C ILE A 300 -9.95 1.17 -13.21
N GLY A 301 -10.05 0.21 -14.12
CA GLY A 301 -9.14 0.09 -15.21
C GLY A 301 -7.88 -0.70 -14.94
N ILE A 302 -7.71 -1.21 -13.71
CA ILE A 302 -6.52 -1.98 -13.36
C ILE A 302 -6.90 -2.89 -12.19
N ASN A 303 -6.27 -4.07 -12.15
CA ASN A 303 -6.44 -4.94 -11.00
C ASN A 303 -5.43 -4.55 -9.93
N ILE A 304 -5.85 -4.63 -8.67
CA ILE A 304 -5.04 -4.13 -7.56
C ILE A 304 -4.94 -5.21 -6.50
N PHE A 305 -3.73 -5.72 -6.30
CA PHE A 305 -3.40 -6.58 -5.16
C PHE A 305 -3.06 -5.67 -3.98
N GLY A 306 -4.11 -5.24 -3.28
CA GLY A 306 -3.97 -4.39 -2.13
C GLY A 306 -3.68 -5.17 -0.85
N ASP A 307 -3.90 -4.51 0.28
CA ASP A 307 -3.47 -5.07 1.56
C ASP A 307 -4.10 -6.44 1.83
N VAL A 308 -5.37 -6.63 1.46
CA VAL A 308 -6.03 -7.92 1.68
C VAL A 308 -5.21 -9.08 1.14
N ALA A 309 -4.64 -8.89 -0.05
CA ALA A 309 -3.79 -9.91 -0.64
C ALA A 309 -2.39 -9.88 -0.06
N LEU A 310 -1.79 -8.70 0.02
CA LEU A 310 -0.38 -8.62 0.41
C LEU A 310 -0.17 -9.09 1.84
N LYS A 311 -1.11 -8.84 2.75
CA LYS A 311 -0.94 -9.22 4.15
CA LYS A 311 -0.90 -9.23 4.14
C LYS A 311 -0.92 -10.75 4.34
N ALA A 312 -1.36 -11.52 3.35
CA ALA A 312 -1.25 -12.97 3.42
C ALA A 312 0.14 -13.46 3.01
N ALA A 313 1.05 -12.58 2.63
CA ALA A 313 2.34 -12.99 2.11
C ALA A 313 3.44 -12.12 2.70
N PHE A 314 4.65 -12.66 2.60
CA PHE A 314 5.88 -11.88 2.74
C PHE A 314 6.27 -11.47 1.33
N VAL A 315 6.38 -10.17 1.09
CA VAL A 315 6.49 -9.64 -0.26
C VAL A 315 7.81 -8.89 -0.43
N VAL A 316 8.57 -9.30 -1.43
CA VAL A 316 9.86 -8.70 -1.77
C VAL A 316 9.68 -7.79 -2.97
N PHE A 317 10.02 -6.53 -2.80
CA PHE A 317 10.05 -5.55 -3.87
C PHE A 317 11.51 -5.43 -4.28
N ASN A 318 11.90 -6.12 -5.34
CA ASN A 318 13.29 -6.19 -5.77
C ASN A 318 13.57 -5.12 -6.80
N GLY A 319 14.39 -4.12 -6.41
CA GLY A 319 14.68 -2.96 -7.22
C GLY A 319 16.00 -3.08 -7.95
N ALA A 320 16.41 -4.29 -8.26
CA ALA A 320 17.57 -4.50 -9.11
C ALA A 320 17.35 -3.87 -10.49
N THR A 321 18.41 -3.91 -11.31
CA THR A 321 18.34 -3.27 -12.62
C THR A 321 17.11 -3.72 -13.38
N THR A 322 16.78 -5.00 -13.31
CA THR A 322 15.51 -5.52 -13.82
C THR A 322 14.66 -5.82 -12.59
N PRO A 323 13.70 -4.99 -12.24
CA PRO A 323 12.94 -5.26 -11.02
C PRO A 323 12.11 -6.53 -11.12
N THR A 324 11.89 -7.18 -9.97
CA THR A 324 10.98 -8.32 -9.87
C THR A 324 10.26 -8.22 -8.54
N LEU A 325 9.20 -9.03 -8.38
N LEU A 325 9.31 -9.14 -8.32
CA LEU A 325 8.48 -9.18 -7.13
CA LEU A 325 8.46 -9.15 -7.15
C LEU A 325 8.66 -10.61 -6.65
C LEU A 325 8.41 -10.58 -6.61
N GLY A 326 8.73 -10.76 -5.33
CA GLY A 326 8.77 -12.07 -4.70
C GLY A 326 7.64 -12.23 -3.70
N PHE A 327 7.03 -13.41 -3.66
CA PHE A 327 6.01 -13.72 -2.68
C PHE A 327 6.36 -15.03 -1.99
N ALA A 328 6.24 -15.04 -0.65
CA ALA A 328 6.31 -16.25 0.14
C ALA A 328 5.12 -16.31 1.09
N SER A 329 4.72 -17.53 1.41
CA SER A 329 3.78 -17.72 2.51
C SER A 329 4.50 -17.44 3.84
N LYS A 330 3.69 -17.26 4.89
CA LYS A 330 4.25 -16.93 6.20
C LYS A 330 3.35 -17.37 7.35
C4 A1CDN B . -5.13 6.95 -1.02
C5 A1CDN B . -6.33 7.62 -1.16
C6 A1CDN B . -7.00 8.11 -0.04
C7 A1CDN B . -6.47 7.91 1.22
C8 A1CDN B . -5.26 7.23 1.37
C1 A1CDN B . -2.82 5.73 -0.80
C11 A1CDN B . -7.00 8.34 2.56
C3 A1CDN B . -4.59 6.75 0.26
C9 A1CDN B . -4.91 7.16 2.84
N10 A1CDN B . -6.11 7.69 3.56
O2 A1CDN B . -3.44 6.10 0.41
C4 A1CDN C . -5.78 3.27 -10.13
C5 A1CDN C . -4.50 3.24 -10.69
C6 A1CDN C . -3.37 3.16 -9.88
C7 A1CDN C . -3.51 3.12 -8.52
C8 A1CDN C . -4.78 3.16 -7.92
C1 A1CDN C . -8.16 3.78 -8.95
C11 A1CDN C . -2.45 3.04 -7.45
C3 A1CDN C . -5.90 3.23 -8.73
C9 A1CDN C . -4.65 3.10 -6.43
N10 A1CDN C . -3.17 3.09 -6.14
O2 A1CDN C . -7.13 3.25 -8.16
C1 GOL D . -1.97 -16.82 6.18
O1 GOL D . -2.19 -17.73 7.23
C2 GOL D . -1.09 -17.59 5.25
O2 GOL D . -1.84 -18.00 4.12
C3 GOL D . 0.19 -16.81 4.98
O3 GOL D . 0.73 -17.26 3.78
H11 GOL D . -2.80 -16.56 5.74
H12 GOL D . -1.54 -16.01 6.48
HO1 GOL D . -2.57 -18.42 6.91
H2 GOL D . -0.77 -18.40 5.69
HO2 GOL D . -2.22 -17.32 3.81
H31 GOL D . -0.02 -15.87 4.96
H32 GOL D . 0.81 -16.95 5.72
HO3 GOL D . 0.68 -18.10 3.75
#